data_1BU5
#
_entry.id   1BU5
#
_cell.length_a   94.380
_cell.length_b   62.310
_cell.length_c   77.420
_cell.angle_alpha   90.00
_cell.angle_beta   127.26
_cell.angle_gamma   90.00
#
_symmetry.space_group_name_H-M   'C 1 2 1'
#
loop_
_entity.id
_entity.type
_entity.pdbx_description
1 polymer 'PROTEIN (FLAVODOXIN)'
2 non-polymer 'SULFATE ION'
3 non-polymer RIBOFLAVIN
4 water water
#
_entity_poly.entity_id   1
_entity_poly.type   'polypeptide(L)'
_entity_poly.pdbx_seq_one_letter_code
;PKALIVYGSTTGNTEYTAETIARELADAGYEVDSRDAASVEAGGLFEGFDLVLLGCSTWGDDSIELQDDFIPLFDSLEET
GAQGRKVACFGCGDSSYEYFCGAVDAIEEKLKNLGAEIVQDGLRIDGDPRAARDDIVGWAHDVRGAI
;
_entity_poly.pdbx_strand_id   A,B
#
loop_
_chem_comp.id
_chem_comp.type
_chem_comp.name
_chem_comp.formula
RBF non-polymer RIBOFLAVIN 'C17 H20 N4 O6'
SO4 non-polymer 'SULFATE ION' 'O4 S -2'
#
# COMPACT_ATOMS: atom_id res chain seq x y z
N PRO A 1 -15.42 -20.51 -16.11
CA PRO A 1 -14.38 -19.56 -15.56
C PRO A 1 -13.44 -20.16 -14.51
N LYS A 2 -12.27 -19.53 -14.23
CA LYS A 2 -11.40 -20.06 -13.20
C LYS A 2 -11.37 -19.19 -11.94
N ALA A 3 -11.56 -19.75 -10.77
CA ALA A 3 -11.46 -18.94 -9.56
C ALA A 3 -10.37 -19.46 -8.61
N LEU A 4 -9.68 -18.55 -7.95
CA LEU A 4 -8.64 -18.84 -6.96
C LEU A 4 -9.21 -18.43 -5.59
N ILE A 5 -9.17 -19.30 -4.59
CA ILE A 5 -9.62 -18.99 -3.21
C ILE A 5 -8.36 -19.14 -2.36
N VAL A 6 -7.91 -18.09 -1.69
CA VAL A 6 -6.73 -18.12 -0.81
C VAL A 6 -7.24 -17.68 0.57
N TYR A 7 -7.04 -18.58 1.57
CA TYR A 7 -7.47 -18.30 2.94
C TYR A 7 -6.36 -18.54 3.98
N GLY A 8 -6.39 -17.80 5.05
CA GLY A 8 -5.54 -17.83 6.25
C GLY A 8 -6.55 -18.35 7.32
N SER A 9 -6.44 -19.56 7.91
CA SER A 9 -7.42 -20.09 8.84
C SER A 9 -6.63 -20.76 9.97
N THR A 10 -6.98 -20.45 11.20
CA THR A 10 -6.27 -20.97 12.38
C THR A 10 -7.13 -22.02 13.07
N THR A 11 -8.40 -21.75 13.32
CA THR A 11 -9.25 -22.71 14.02
C THR A 11 -10.03 -23.55 13.04
N GLY A 12 -9.95 -23.27 11.73
CA GLY A 12 -10.77 -24.10 10.83
C GLY A 12 -12.04 -23.40 10.35
N ASN A 13 -12.48 -22.30 11.01
CA ASN A 13 -13.69 -21.61 10.55
C ASN A 13 -13.49 -20.94 9.20
N THR A 14 -12.43 -20.19 8.96
CA THR A 14 -12.23 -19.54 7.65
C THR A 14 -12.01 -20.61 6.61
N GLU A 15 -11.40 -21.73 6.96
CA GLU A 15 -11.23 -22.85 6.05
C GLU A 15 -12.52 -23.49 5.60
N TYR A 16 -13.39 -23.74 6.57
CA TYR A 16 -14.67 -24.32 6.25
C TYR A 16 -15.45 -23.35 5.36
N THR A 17 -15.41 -22.08 5.59
CA THR A 17 -16.10 -21.07 4.79
C THR A 17 -15.47 -21.12 3.38
N ALA A 18 -14.16 -21.15 3.22
CA ALA A 18 -13.50 -21.25 1.93
C ALA A 18 -13.99 -22.47 1.15
N GLU A 19 -14.09 -23.62 1.80
CA GLU A 19 -14.49 -24.86 1.20
C GLU A 19 -15.95 -24.83 0.75
N THR A 20 -16.86 -24.23 1.52
CA THR A 20 -18.27 -24.15 1.16
C THR A 20 -18.41 -23.32 -0.10
N ILE A 21 -17.64 -22.25 -0.20
CA ILE A 21 -17.70 -21.35 -1.36
C ILE A 21 -17.22 -22.07 -2.59
N ALA A 22 -16.09 -22.78 -2.44
CA ALA A 22 -15.44 -23.53 -3.49
C ALA A 22 -16.45 -24.53 -4.07
N ARG A 23 -17.20 -25.22 -3.22
CA ARG A 23 -18.16 -26.18 -3.73
C ARG A 23 -19.28 -25.48 -4.50
N GLU A 24 -19.77 -24.35 -3.97
CA GLU A 24 -20.82 -23.62 -4.68
C GLU A 24 -20.33 -23.23 -6.05
N LEU A 25 -19.08 -22.71 -6.15
CA LEU A 25 -18.61 -22.30 -7.47
C LEU A 25 -18.37 -23.45 -8.41
N ALA A 26 -17.85 -24.58 -7.90
CA ALA A 26 -17.53 -25.76 -8.68
C ALA A 26 -18.84 -26.30 -9.30
N ASP A 27 -19.90 -26.18 -8.55
CA ASP A 27 -21.25 -26.57 -8.89
C ASP A 27 -21.83 -25.73 -10.04
N ALA A 28 -21.30 -24.51 -10.16
CA ALA A 28 -21.76 -23.62 -11.21
C ALA A 28 -20.81 -23.67 -12.38
N GLY A 29 -20.02 -24.73 -12.52
CA GLY A 29 -19.11 -24.95 -13.58
C GLY A 29 -17.72 -24.33 -13.55
N TYR A 30 -17.42 -23.57 -12.46
CA TYR A 30 -16.13 -22.95 -12.38
C TYR A 30 -15.05 -23.98 -12.05
N GLU A 31 -13.86 -23.66 -12.49
CA GLU A 31 -12.66 -24.45 -12.18
C GLU A 31 -12.09 -23.67 -10.96
N VAL A 32 -12.13 -24.37 -9.81
CA VAL A 32 -11.73 -23.70 -8.56
C VAL A 32 -10.43 -24.28 -8.05
N ASP A 33 -9.53 -23.39 -7.65
CA ASP A 33 -8.21 -23.70 -7.10
C ASP A 33 -8.28 -23.08 -5.70
N SER A 34 -8.25 -23.91 -4.68
CA SER A 34 -8.37 -23.44 -3.29
C SER A 34 -7.07 -23.69 -2.56
N ARG A 35 -6.45 -22.66 -2.01
CA ARG A 35 -5.15 -22.86 -1.36
C ARG A 35 -5.02 -22.16 -0.03
N ASP A 36 -4.32 -22.86 0.87
CA ASP A 36 -4.04 -22.29 2.20
C ASP A 36 -3.01 -21.25 1.96
N ALA A 37 -3.13 -20.05 2.54
CA ALA A 37 -2.16 -19.03 2.35
C ALA A 37 -0.76 -19.52 2.82
N ALA A 38 -0.72 -20.48 3.77
CA ALA A 38 0.59 -20.95 4.24
C ALA A 38 1.37 -21.63 3.15
N SER A 39 0.78 -22.10 2.08
CA SER A 39 1.49 -22.76 1.00
C SER A 39 1.63 -21.90 -0.24
N VAL A 40 1.39 -20.59 -0.23
CA VAL A 40 1.48 -19.85 -1.48
C VAL A 40 2.59 -18.85 -1.55
N GLU A 41 2.99 -18.50 -2.75
CA GLU A 41 4.00 -17.50 -3.12
C GLU A 41 3.24 -16.32 -3.77
N ALA A 42 3.51 -15.09 -3.29
CA ALA A 42 2.79 -13.93 -3.77
C ALA A 42 3.09 -13.54 -5.21
N GLY A 43 4.31 -13.62 -5.70
CA GLY A 43 4.70 -13.26 -7.05
C GLY A 43 3.78 -13.86 -8.10
N GLY A 44 2.99 -13.04 -8.81
CA GLY A 44 2.08 -13.51 -9.82
C GLY A 44 1.03 -14.50 -9.49
N LEU A 45 0.65 -14.68 -8.22
CA LEU A 45 -0.38 -15.60 -7.71
C LEU A 45 -1.73 -15.52 -8.43
N PHE A 46 -2.15 -14.28 -8.73
CA PHE A 46 -3.46 -14.08 -9.40
C PHE A 46 -3.41 -14.18 -10.94
N GLU A 47 -2.27 -14.37 -11.57
CA GLU A 47 -2.26 -14.51 -13.02
C GLU A 47 -3.05 -15.68 -13.52
N GLY A 48 -3.88 -15.38 -14.53
CA GLY A 48 -4.72 -16.36 -15.18
C GLY A 48 -6.02 -16.59 -14.48
N PHE A 49 -6.36 -15.92 -13.39
CA PHE A 49 -7.60 -16.17 -12.71
C PHE A 49 -8.62 -15.11 -13.03
N ASP A 50 -9.82 -15.55 -13.29
CA ASP A 50 -10.93 -14.64 -13.60
C ASP A 50 -11.51 -14.02 -12.35
N LEU A 51 -11.50 -14.78 -11.24
CA LEU A 51 -12.08 -14.29 -9.98
C LEU A 51 -11.14 -14.75 -8.86
N VAL A 52 -10.84 -13.85 -7.95
CA VAL A 52 -9.98 -14.20 -6.81
C VAL A 52 -10.73 -13.87 -5.53
N LEU A 53 -10.86 -14.87 -4.64
CA LEU A 53 -11.55 -14.77 -3.33
C LEU A 53 -10.52 -14.96 -2.20
N LEU A 54 -10.40 -13.95 -1.31
CA LEU A 54 -9.42 -13.93 -0.22
C LEU A 54 -10.11 -13.99 1.14
N GLY A 55 -9.71 -14.99 1.96
CA GLY A 55 -10.40 -15.10 3.26
C GLY A 55 -9.35 -15.01 4.37
N CYS A 56 -9.71 -14.28 5.43
CA CYS A 56 -8.78 -14.14 6.53
C CYS A 56 -9.52 -13.84 7.85
N SER A 57 -9.06 -14.33 8.98
CA SER A 57 -9.60 -14.03 10.30
C SER A 57 -8.81 -12.90 10.95
N THR A 58 -9.31 -12.22 11.99
CA THR A 58 -8.67 -11.05 12.64
C THR A 58 -8.27 -11.39 14.06
N TRP A 59 -7.09 -11.04 14.46
CA TRP A 59 -6.51 -11.36 15.78
C TRP A 59 -5.96 -10.06 16.34
N GLY A 60 -5.05 -10.21 17.28
CA GLY A 60 -4.39 -9.00 17.82
C GLY A 60 -4.93 -8.67 19.18
N ASP A 61 -4.06 -8.15 20.04
CA ASP A 61 -4.37 -7.78 21.41
C ASP A 61 -5.13 -6.47 21.49
N ASP A 62 -4.76 -5.46 20.71
CA ASP A 62 -5.56 -4.21 20.81
C ASP A 62 -5.70 -3.62 19.41
N SER A 63 -4.71 -3.96 18.59
CA SER A 63 -4.75 -3.46 17.20
C SER A 63 -5.41 -4.60 16.40
N ILE A 64 -5.82 -4.33 15.17
CA ILE A 64 -6.36 -5.47 14.42
C ILE A 64 -5.15 -6.08 13.71
N GLU A 65 -4.87 -7.36 13.85
CA GLU A 65 -3.78 -8.09 13.23
C GLU A 65 -4.36 -9.19 12.29
N LEU A 66 -3.69 -9.40 11.14
CA LEU A 66 -4.14 -10.46 10.22
C LEU A 66 -3.70 -11.85 10.70
N GLN A 67 -4.40 -12.87 10.27
CA GLN A 67 -4.04 -14.25 10.61
C GLN A 67 -2.64 -14.38 10.07
N ASP A 68 -1.80 -15.04 10.92
CA ASP A 68 -0.39 -15.16 10.66
C ASP A 68 0.05 -15.65 9.29
N ASP A 69 -0.64 -16.67 8.75
CA ASP A 69 -0.34 -17.27 7.46
C ASP A 69 -0.67 -16.31 6.31
N PHE A 70 -1.59 -15.40 6.53
CA PHE A 70 -1.91 -14.43 5.47
C PHE A 70 -1.05 -13.22 5.43
N ILE A 71 -0.36 -12.90 6.56
CA ILE A 71 0.47 -11.74 6.60
C ILE A 71 1.46 -11.55 5.48
N PRO A 72 2.29 -12.50 5.12
CA PRO A 72 3.28 -12.41 4.08
C PRO A 72 2.64 -12.04 2.75
N LEU A 73 1.48 -12.60 2.42
CA LEU A 73 0.78 -12.32 1.17
C LEU A 73 0.30 -10.89 1.17
N PHE A 74 -0.35 -10.48 2.27
CA PHE A 74 -0.85 -9.12 2.40
C PHE A 74 0.26 -8.12 2.18
N ASP A 75 1.43 -8.39 2.78
CA ASP A 75 2.58 -7.52 2.68
C ASP A 75 3.10 -7.51 1.25
N SER A 76 2.86 -8.49 0.43
CA SER A 76 3.31 -8.55 -0.95
C SER A 76 2.17 -8.48 -1.98
N LEU A 77 1.03 -7.96 -1.58
CA LEU A 77 -0.16 -7.87 -2.43
C LEU A 77 0.14 -7.09 -3.72
N GLU A 78 1.06 -6.15 -3.74
CA GLU A 78 1.35 -5.41 -4.94
C GLU A 78 1.98 -6.29 -5.99
N GLU A 79 2.46 -7.52 -5.72
CA GLU A 79 3.10 -8.35 -6.73
C GLU A 79 2.19 -9.47 -7.21
N THR A 80 0.96 -9.50 -6.72
CA THR A 80 0.11 -10.60 -7.12
C THR A 80 -0.62 -10.51 -8.47
N GLY A 81 -0.70 -9.28 -8.97
CA GLY A 81 -1.42 -9.01 -10.21
C GLY A 81 -2.85 -8.64 -9.86
N ALA A 82 -3.13 -7.83 -8.85
CA ALA A 82 -4.48 -7.47 -8.42
C ALA A 82 -5.07 -6.36 -9.26
N GLN A 83 -4.22 -5.56 -9.93
CA GLN A 83 -4.75 -4.45 -10.73
C GLN A 83 -5.69 -4.91 -11.83
N GLY A 84 -6.95 -4.45 -11.73
CA GLY A 84 -7.95 -4.83 -12.70
C GLY A 84 -8.57 -6.22 -12.44
N ARG A 85 -8.09 -6.87 -11.36
CA ARG A 85 -8.61 -8.19 -11.06
C ARG A 85 -9.93 -8.07 -10.30
N LYS A 86 -10.84 -9.01 -10.62
CA LYS A 86 -12.15 -9.09 -9.95
C LYS A 86 -11.91 -9.88 -8.64
N VAL A 87 -12.08 -9.23 -7.52
CA VAL A 87 -11.85 -9.91 -6.24
C VAL A 87 -13.00 -9.67 -5.28
N ALA A 88 -13.07 -10.53 -4.23
CA ALA A 88 -14.04 -10.33 -3.18
C ALA A 88 -13.45 -11.02 -1.92
N CYS A 89 -13.80 -10.47 -0.77
CA CYS A 89 -13.24 -10.96 0.50
C CYS A 89 -14.20 -11.60 1.44
N PHE A 90 -13.70 -12.46 2.32
CA PHE A 90 -14.62 -13.14 3.28
C PHE A 90 -13.76 -13.40 4.55
N GLY A 91 -14.43 -13.62 5.69
CA GLY A 91 -13.66 -13.88 6.90
C GLY A 91 -14.60 -14.20 8.05
N CYS A 92 -14.03 -14.84 9.04
CA CYS A 92 -14.80 -15.17 10.25
C CYS A 92 -14.31 -14.31 11.41
N GLY A 93 -15.18 -13.94 12.33
CA GLY A 93 -14.70 -13.11 13.45
C GLY A 93 -15.77 -13.24 14.58
N ASP A 94 -15.77 -12.25 15.43
CA ASP A 94 -16.69 -12.32 16.59
C ASP A 94 -17.10 -10.90 16.94
N SER A 95 -18.42 -10.68 16.99
CA SER A 95 -18.91 -9.32 17.26
C SER A 95 -18.65 -8.74 18.64
N SER A 96 -18.11 -9.52 19.56
CA SER A 96 -17.80 -8.98 20.89
C SER A 96 -16.60 -8.14 20.74
N TYR A 97 -15.71 -8.24 19.71
CA TYR A 97 -14.54 -7.43 19.52
C TYR A 97 -14.90 -6.11 18.89
N GLU A 98 -14.08 -5.11 19.11
CA GLU A 98 -14.24 -3.76 18.61
C GLU A 98 -14.22 -3.62 17.10
N TYR A 99 -13.38 -4.36 16.37
CA TYR A 99 -13.28 -4.35 14.93
C TYR A 99 -13.74 -5.73 14.40
N PHE A 100 -15.04 -5.91 14.28
CA PHE A 100 -15.65 -7.15 13.80
C PHE A 100 -15.13 -7.42 12.38
N CYS A 101 -14.50 -8.58 12.21
CA CYS A 101 -13.87 -8.91 10.94
C CYS A 101 -12.99 -7.79 10.43
N GLY A 102 -12.19 -7.11 11.24
CA GLY A 102 -11.38 -6.05 10.75
C GLY A 102 -10.42 -6.48 9.65
N ALA A 103 -9.91 -7.71 9.63
CA ALA A 103 -9.00 -8.12 8.54
C ALA A 103 -9.64 -7.94 7.13
N VAL A 104 -10.95 -8.17 7.01
CA VAL A 104 -11.73 -8.03 5.78
C VAL A 104 -11.68 -6.60 5.30
N ASP A 105 -11.88 -5.63 6.16
CA ASP A 105 -11.73 -4.20 5.84
C ASP A 105 -10.32 -3.81 5.42
N ALA A 106 -9.27 -4.31 6.07
CA ALA A 106 -7.93 -3.98 5.74
C ALA A 106 -7.54 -4.53 4.36
N ILE A 107 -7.98 -5.75 4.09
CA ILE A 107 -7.67 -6.38 2.82
C ILE A 107 -8.46 -5.71 1.69
N GLU A 108 -9.74 -5.39 1.90
CA GLU A 108 -10.48 -4.69 0.82
C GLU A 108 -9.84 -3.35 0.45
N GLU A 109 -9.42 -2.60 1.48
CA GLU A 109 -8.86 -1.31 1.32
C GLU A 109 -7.59 -1.33 0.52
N LYS A 110 -6.73 -2.32 0.86
CA LYS A 110 -5.44 -2.42 0.17
C LYS A 110 -5.69 -2.85 -1.27
N LEU A 111 -6.61 -3.76 -1.47
CA LEU A 111 -6.90 -4.17 -2.85
C LEU A 111 -7.40 -3.01 -3.70
N LYS A 112 -8.23 -2.17 -3.13
CA LYS A 112 -8.84 -0.99 -3.73
C LYS A 112 -7.73 -0.05 -4.20
N ASN A 113 -6.76 0.22 -3.34
CA ASN A 113 -5.58 1.06 -3.52
C ASN A 113 -4.64 0.55 -4.60
N LEU A 114 -4.72 -0.78 -4.81
CA LEU A 114 -3.91 -1.43 -5.84
C LEU A 114 -4.74 -1.49 -7.13
N GLY A 115 -5.95 -1.00 -7.22
CA GLY A 115 -6.71 -1.03 -8.44
C GLY A 115 -7.37 -2.34 -8.72
N ALA A 116 -7.67 -3.12 -7.68
CA ALA A 116 -8.38 -4.35 -7.89
C ALA A 116 -9.85 -3.91 -8.01
N GLU A 117 -10.66 -4.77 -8.58
CA GLU A 117 -12.06 -4.44 -8.68
C GLU A 117 -12.84 -5.28 -7.65
N ILE A 118 -13.37 -4.70 -6.59
CA ILE A 118 -14.12 -5.37 -5.55
C ILE A 118 -15.54 -5.56 -6.12
N VAL A 119 -15.88 -6.80 -6.39
CA VAL A 119 -17.10 -7.27 -7.05
C VAL A 119 -18.28 -7.41 -6.15
N GLN A 120 -18.17 -7.46 -4.84
CA GLN A 120 -19.24 -7.63 -3.86
C GLN A 120 -18.59 -7.27 -2.51
N ASP A 121 -19.32 -6.71 -1.58
CA ASP A 121 -18.89 -6.37 -0.25
C ASP A 121 -18.51 -7.72 0.41
N GLY A 122 -17.48 -7.67 1.23
CA GLY A 122 -17.02 -8.88 1.86
C GLY A 122 -17.99 -9.54 2.78
N LEU A 123 -17.86 -10.86 2.83
CA LEU A 123 -18.65 -11.75 3.64
C LEU A 123 -18.02 -11.79 5.04
N ARG A 124 -18.73 -11.34 6.08
CA ARG A 124 -18.27 -11.28 7.47
C ARG A 124 -19.13 -12.17 8.35
N ILE A 125 -18.58 -13.26 8.87
CA ILE A 125 -19.31 -14.20 9.66
C ILE A 125 -18.99 -14.06 11.12
N ASP A 126 -20.12 -14.01 11.86
CA ASP A 126 -19.94 -13.88 13.30
C ASP A 126 -20.07 -15.30 13.85
N GLY A 127 -19.10 -15.80 14.60
CA GLY A 127 -19.24 -17.14 15.15
C GLY A 127 -19.12 -18.36 14.26
N ASP A 128 -19.73 -19.47 14.63
CA ASP A 128 -19.55 -20.64 13.78
C ASP A 128 -20.16 -20.50 12.43
N PRO A 129 -19.33 -20.62 11.40
CA PRO A 129 -19.72 -20.51 10.00
C PRO A 129 -20.71 -21.61 9.67
N ARG A 130 -20.65 -22.78 10.34
CA ARG A 130 -21.57 -23.89 10.14
C ARG A 130 -23.04 -23.51 10.35
N ALA A 131 -23.23 -22.52 11.23
CA ALA A 131 -24.48 -21.90 11.59
C ALA A 131 -24.90 -20.84 10.56
N ALA A 132 -23.97 -20.37 9.71
CA ALA A 132 -24.39 -19.39 8.70
C ALA A 132 -24.25 -19.90 7.27
N ARG A 133 -24.40 -21.19 7.07
CA ARG A 133 -24.22 -21.84 5.79
C ARG A 133 -25.06 -21.22 4.72
N ASP A 134 -26.23 -20.76 5.08
CA ASP A 134 -27.08 -20.11 4.09
C ASP A 134 -26.56 -18.76 3.62
N ASP A 135 -25.98 -17.99 4.54
CA ASP A 135 -25.41 -16.70 4.13
C ASP A 135 -24.18 -16.99 3.24
N ILE A 136 -23.45 -18.07 3.60
CA ILE A 136 -22.28 -18.34 2.76
C ILE A 136 -22.71 -18.60 1.34
N VAL A 137 -23.61 -19.56 1.17
CA VAL A 137 -24.14 -19.96 -0.13
C VAL A 137 -24.71 -18.81 -0.93
N GLY A 138 -25.51 -17.97 -0.25
CA GLY A 138 -26.14 -16.82 -0.85
C GLY A 138 -25.11 -15.84 -1.34
N TRP A 139 -24.01 -15.66 -0.59
CA TRP A 139 -22.95 -14.73 -1.03
C TRP A 139 -22.19 -15.23 -2.25
N ALA A 140 -21.95 -16.57 -2.28
CA ALA A 140 -21.24 -17.17 -3.39
C ALA A 140 -22.12 -17.08 -4.63
N HIS A 141 -23.44 -17.13 -4.39
CA HIS A 141 -24.32 -16.99 -5.55
C HIS A 141 -24.25 -15.55 -6.04
N ASP A 142 -24.21 -14.62 -5.10
CA ASP A 142 -24.11 -13.21 -5.51
C ASP A 142 -22.81 -12.87 -6.20
N VAL A 143 -21.66 -13.42 -5.77
CA VAL A 143 -20.42 -13.06 -6.51
C VAL A 143 -20.45 -13.59 -7.94
N ARG A 144 -21.13 -14.68 -8.26
CA ARG A 144 -21.29 -15.27 -9.58
C ARG A 144 -22.00 -14.38 -10.60
N GLY A 145 -22.97 -13.61 -10.15
CA GLY A 145 -23.68 -12.69 -11.03
C GLY A 145 -22.81 -11.45 -11.33
N ALA A 146 -22.00 -10.99 -10.37
CA ALA A 146 -21.17 -9.81 -10.52
C ALA A 146 -19.97 -9.90 -11.41
N ILE A 147 -19.49 -11.09 -11.72
CA ILE A 147 -18.31 -11.24 -12.55
C ILE A 147 -18.67 -11.46 -14.02
N PRO B 1 5.24 0.76 10.79
CA PRO B 1 6.57 0.71 10.10
C PRO B 1 7.48 1.92 10.36
N LYS B 2 8.70 2.00 9.79
CA LYS B 2 9.53 3.16 10.01
C LYS B 2 9.65 3.96 8.72
N ALA B 3 9.46 5.25 8.78
CA ALA B 3 9.62 6.08 7.59
C ALA B 3 10.66 7.16 7.83
N LEU B 4 11.49 7.43 6.82
CA LEU B 4 12.53 8.46 6.79
C LEU B 4 12.04 9.60 5.85
N ILE B 5 12.09 10.85 6.24
CA ILE B 5 11.70 11.94 5.39
C ILE B 5 12.93 12.81 5.28
N VAL B 6 13.55 13.02 4.10
CA VAL B 6 14.75 13.85 3.99
C VAL B 6 14.40 15.02 3.05
N TYR B 7 14.60 16.26 3.50
CA TYR B 7 14.27 17.41 2.67
C TYR B 7 15.33 18.48 2.54
N GLY B 8 15.43 19.15 1.40
CA GLY B 8 16.33 20.28 1.18
C GLY B 8 15.28 21.45 1.13
N SER B 9 15.34 22.41 2.07
CA SER B 9 14.36 23.51 2.03
C SER B 9 15.14 24.83 2.21
N THR B 10 14.91 25.88 1.42
CA THR B 10 15.59 27.15 1.55
C THR B 10 14.63 28.19 2.15
N THR B 11 13.41 28.29 1.62
CA THR B 11 12.47 29.29 2.14
C THR B 11 11.56 28.77 3.22
N GLY B 12 11.44 27.49 3.54
CA GLY B 12 10.63 26.94 4.56
C GLY B 12 9.48 26.24 3.91
N ASN B 13 9.22 26.36 2.60
CA ASN B 13 8.07 25.71 1.97
C ASN B 13 8.11 24.16 1.94
N THR B 14 9.29 23.69 1.47
CA THR B 14 9.49 22.22 1.37
C THR B 14 9.57 21.68 2.80
N GLU B 15 10.15 22.41 3.73
CA GLU B 15 10.17 21.99 5.11
C GLU B 15 8.80 21.84 5.67
N TYR B 16 7.86 22.77 5.42
CA TYR B 16 6.48 22.74 5.87
C TYR B 16 5.73 21.53 5.26
N THR B 17 6.06 21.30 3.98
CA THR B 17 5.47 20.18 3.27
C THR B 17 5.94 18.87 3.96
N ALA B 18 7.27 18.80 4.17
CA ALA B 18 7.77 17.53 4.81
C ALA B 18 7.12 17.22 6.14
N GLU B 19 6.95 18.29 6.93
CA GLU B 19 6.35 18.29 8.25
C GLU B 19 4.87 17.97 8.24
N THR B 20 4.10 18.37 7.23
CA THR B 20 2.71 18.03 7.14
C THR B 20 2.60 16.54 6.78
N ILE B 21 3.49 16.04 5.89
CA ILE B 21 3.43 14.60 5.54
C ILE B 21 3.92 13.89 6.78
N ALA B 22 4.97 14.29 7.50
CA ALA B 22 5.39 13.58 8.72
C ALA B 22 4.25 13.37 9.73
N ARG B 23 3.45 14.40 10.04
CA ARG B 23 2.34 14.30 10.96
C ARG B 23 1.36 13.31 10.39
N GLU B 24 1.02 13.24 9.12
CA GLU B 24 0.05 12.28 8.62
C GLU B 24 0.47 10.82 8.74
N LEU B 25 1.75 10.51 8.61
CA LEU B 25 2.24 9.15 8.71
C LEU B 25 2.32 8.76 10.19
N ALA B 26 2.77 9.69 11.03
CA ALA B 26 2.85 9.44 12.47
C ALA B 26 1.44 9.14 12.96
N ASP B 27 0.40 9.86 12.56
CA ASP B 27 -0.99 9.64 12.96
C ASP B 27 -1.40 8.24 12.51
N ALA B 28 -0.95 7.73 11.37
CA ALA B 28 -1.30 6.39 10.92
C ALA B 28 -0.44 5.31 11.56
N GLY B 29 0.23 5.53 12.69
CA GLY B 29 1.05 4.48 13.25
C GLY B 29 2.48 4.49 12.81
N TYR B 30 2.94 5.24 11.79
CA TYR B 30 4.37 5.14 11.49
C TYR B 30 5.26 5.80 12.53
N GLU B 31 6.48 5.24 12.64
CA GLU B 31 7.48 5.87 13.52
C GLU B 31 8.19 6.68 12.40
N VAL B 32 8.22 8.00 12.52
CA VAL B 32 8.75 8.84 11.47
C VAL B 32 10.01 9.56 11.90
N ASP B 33 11.01 9.65 11.03
CA ASP B 33 12.25 10.32 11.28
C ASP B 33 12.33 11.39 10.18
N SER B 34 12.23 12.66 10.50
CA SER B 34 12.24 13.75 9.53
C SER B 34 13.55 14.46 9.63
N ARG B 35 14.43 14.54 8.64
CA ARG B 35 15.71 15.18 8.69
C ARG B 35 15.98 16.17 7.58
N ASP B 36 16.66 17.23 7.99
CA ASP B 36 17.09 18.23 7.00
C ASP B 36 18.27 17.61 6.26
N ALA B 37 18.28 17.72 4.93
CA ALA B 37 19.37 17.18 4.13
C ALA B 37 20.68 17.82 4.54
N ALA B 38 20.71 18.98 5.18
CA ALA B 38 22.02 19.60 5.55
C ALA B 38 22.79 18.78 6.58
N SER B 39 22.12 18.04 7.41
CA SER B 39 22.59 17.20 8.48
C SER B 39 22.71 15.68 8.31
N VAL B 40 22.53 15.11 7.09
CA VAL B 40 22.58 13.66 6.88
C VAL B 40 23.86 13.31 6.17
N GLU B 41 24.27 12.05 6.23
CA GLU B 41 25.48 11.54 5.52
C GLU B 41 24.80 10.47 4.62
N ALA B 42 25.05 10.46 3.34
CA ALA B 42 24.43 9.54 2.42
C ALA B 42 24.76 8.08 2.70
N GLY B 43 26.00 7.71 3.01
CA GLY B 43 26.35 6.29 3.21
C GLY B 43 25.43 5.49 4.06
N GLY B 44 24.62 4.56 3.50
CA GLY B 44 23.64 3.77 4.23
C GLY B 44 22.48 4.55 4.89
N LEU B 45 22.20 5.78 4.41
CA LEU B 45 21.10 6.53 5.04
C LEU B 45 19.79 5.84 5.13
N PHE B 46 19.33 5.09 4.10
CA PHE B 46 18.03 4.46 4.12
C PHE B 46 17.96 3.11 4.82
N GLU B 47 19.08 2.56 5.28
CA GLU B 47 19.01 1.24 5.92
C GLU B 47 18.05 1.15 7.06
N GLY B 48 17.16 0.15 7.11
CA GLY B 48 16.29 0.04 8.24
C GLY B 48 14.98 0.73 8.04
N PHE B 49 14.79 1.44 6.92
CA PHE B 49 13.52 2.14 6.71
C PHE B 49 12.63 1.44 5.69
N ASP B 50 11.36 1.31 6.06
CA ASP B 50 10.27 0.70 5.24
C ASP B 50 9.82 1.59 4.08
N LEU B 51 9.97 2.90 4.26
CA LEU B 51 9.59 3.91 3.28
C LEU B 51 10.48 5.15 3.47
N VAL B 52 10.93 5.70 2.36
CA VAL B 52 11.80 6.87 2.35
C VAL B 52 11.07 7.89 1.44
N LEU B 53 10.96 9.11 1.96
CA LEU B 53 10.32 10.20 1.16
C LEU B 53 11.37 11.28 1.03
N LEU B 54 11.63 11.76 -0.18
CA LEU B 54 12.68 12.74 -0.48
C LEU B 54 12.01 14.01 -1.00
N GLY B 55 12.36 15.15 -0.43
CA GLY B 55 11.70 16.37 -0.93
C GLY B 55 12.74 17.42 -1.23
N CYS B 56 12.57 18.24 -2.29
CA CYS B 56 13.49 19.25 -2.68
C CYS B 56 12.94 20.32 -3.63
N SER B 57 13.39 21.53 -3.52
CA SER B 57 12.93 22.64 -4.40
C SER B 57 13.85 22.72 -5.60
N THR B 58 13.51 23.41 -6.69
CA THR B 58 14.21 23.59 -7.93
C THR B 58 14.75 25.02 -8.12
N TRP B 59 16.00 25.27 -8.48
CA TRP B 59 16.60 26.59 -8.57
C TRP B 59 17.36 26.60 -9.88
N GLY B 60 18.30 27.48 -10.15
CA GLY B 60 19.03 27.42 -11.42
C GLY B 60 18.54 28.58 -12.27
N ASP B 61 19.37 29.23 -13.04
CA ASP B 61 18.98 30.35 -13.89
C ASP B 61 18.70 29.88 -15.31
N ASP B 62 19.27 28.76 -15.70
CA ASP B 62 19.10 28.20 -17.07
C ASP B 62 18.64 26.76 -17.08
N SER B 63 19.30 25.97 -16.23
CA SER B 63 19.06 24.56 -16.02
C SER B 63 18.22 24.32 -14.78
N ILE B 64 18.06 23.03 -14.43
CA ILE B 64 17.35 22.76 -13.18
C ILE B 64 18.55 22.51 -12.26
N GLU B 65 18.63 23.20 -11.14
CA GLU B 65 19.65 23.04 -10.11
C GLU B 65 18.81 22.60 -8.92
N LEU B 66 19.24 21.59 -8.17
CA LEU B 66 18.55 21.13 -6.98
C LEU B 66 18.92 22.06 -5.82
N GLN B 67 18.17 22.01 -4.73
CA GLN B 67 18.45 22.85 -3.56
C GLN B 67 19.80 22.48 -3.04
N ASP B 68 20.59 23.51 -2.66
CA ASP B 68 21.96 23.35 -2.23
C ASP B 68 22.21 22.29 -1.19
N ASP B 69 21.42 22.15 -0.18
CA ASP B 69 21.64 21.17 0.89
C ASP B 69 21.39 19.75 0.36
N PHE B 70 20.56 19.64 -0.69
CA PHE B 70 20.28 18.32 -1.20
C PHE B 70 21.32 17.83 -2.19
N ILE B 71 22.07 18.70 -2.83
CA ILE B 71 23.05 18.24 -3.84
C ILE B 71 23.98 17.13 -3.42
N PRO B 72 24.66 17.20 -2.31
CA PRO B 72 25.53 16.14 -1.84
C PRO B 72 24.80 14.80 -1.69
N LEU B 73 23.54 14.73 -1.21
CA LEU B 73 22.81 13.51 -1.07
C LEU B 73 22.50 12.99 -2.48
N PHE B 74 22.05 13.88 -3.37
CA PHE B 74 21.70 13.46 -4.73
C PHE B 74 22.90 12.82 -5.40
N ASP B 75 24.07 13.46 -5.31
CA ASP B 75 25.30 13.00 -5.90
C ASP B 75 25.75 11.68 -5.22
N SER B 76 25.29 11.33 -4.04
CA SER B 76 25.73 10.08 -3.42
C SER B 76 24.63 9.09 -3.16
N LEU B 77 23.60 9.23 -4.00
CA LEU B 77 22.38 8.43 -3.91
C LEU B 77 22.67 6.94 -4.05
N GLU B 78 23.70 6.65 -4.84
CA GLU B 78 24.05 5.22 -5.00
C GLU B 78 24.55 4.55 -3.72
N GLU B 79 24.92 5.25 -2.67
CA GLU B 79 25.40 4.67 -1.44
C GLU B 79 24.38 4.63 -0.33
N THR B 80 23.11 5.04 -0.60
CA THR B 80 22.08 5.11 0.41
C THR B 80 21.30 3.85 0.76
N GLY B 81 21.29 2.82 -0.09
CA GLY B 81 20.51 1.61 0.15
C GLY B 81 19.11 1.74 -0.53
N ALA B 82 19.10 2.34 -1.74
CA ALA B 82 17.85 2.60 -2.49
C ALA B 82 17.27 1.43 -3.29
N GLN B 83 18.17 0.54 -3.71
CA GLN B 83 17.77 -0.59 -4.53
C GLN B 83 16.73 -1.39 -3.78
N GLY B 84 15.55 -1.60 -4.39
CA GLY B 84 14.45 -2.32 -3.76
C GLY B 84 13.76 -1.49 -2.66
N ARG B 85 14.07 -0.22 -2.39
CA ARG B 85 13.40 0.52 -1.34
C ARG B 85 12.12 1.18 -1.81
N LYS B 86 11.06 1.25 -1.00
CA LYS B 86 9.79 1.94 -1.33
C LYS B 86 10.14 3.44 -1.07
N VAL B 87 10.06 4.24 -2.12
CA VAL B 87 10.36 5.66 -2.02
C VAL B 87 9.30 6.46 -2.77
N ALA B 88 9.11 7.73 -2.40
CA ALA B 88 8.20 8.64 -3.16
C ALA B 88 8.83 10.03 -3.01
N CYS B 89 8.66 10.96 -3.93
CA CYS B 89 9.32 12.27 -3.87
C CYS B 89 8.27 13.40 -3.83
N PHE B 90 8.75 14.53 -3.30
CA PHE B 90 7.83 15.68 -3.22
C PHE B 90 8.73 16.91 -3.38
N GLY B 91 8.07 18.08 -3.68
CA GLY B 91 8.83 19.32 -3.81
C GLY B 91 7.90 20.53 -4.05
N CYS B 92 8.33 21.72 -3.74
CA CYS B 92 7.50 22.88 -4.01
C CYS B 92 8.27 23.60 -5.12
N GLY B 93 7.42 24.27 -5.93
CA GLY B 93 8.05 25.01 -7.04
C GLY B 93 7.11 26.14 -7.51
N ASP B 94 7.28 26.54 -8.76
CA ASP B 94 6.43 27.65 -9.26
C ASP B 94 6.25 27.37 -10.74
N SER B 95 4.99 27.20 -11.10
CA SER B 95 4.62 26.84 -12.45
C SER B 95 4.93 27.86 -13.52
N SER B 96 5.40 29.03 -13.21
CA SER B 96 5.84 30.11 -14.11
C SER B 96 7.18 29.80 -14.76
N TYR B 97 7.94 28.89 -14.12
CA TYR B 97 9.26 28.51 -14.63
C TYR B 97 9.13 27.42 -15.63
N GLU B 98 9.99 27.18 -16.59
CA GLU B 98 9.76 26.09 -17.54
C GLU B 98 9.76 24.64 -17.04
N TYR B 99 10.60 24.34 -16.04
CA TYR B 99 10.69 23.00 -15.49
C TYR B 99 10.15 23.08 -14.07
N PHE B 100 8.86 23.04 -14.03
CA PHE B 100 8.13 23.14 -12.76
C PHE B 100 8.47 21.92 -11.88
N CYS B 101 9.04 22.17 -10.67
CA CYS B 101 9.39 21.04 -9.84
C CYS B 101 10.32 20.10 -10.61
N GLY B 102 11.26 20.62 -11.38
CA GLY B 102 12.22 19.83 -12.12
C GLY B 102 13.08 19.01 -11.13
N ALA B 103 13.35 19.45 -9.91
CA ALA B 103 14.07 18.59 -8.95
C ALA B 103 13.34 17.26 -8.65
N VAL B 104 12.03 17.14 -8.61
CA VAL B 104 11.35 15.89 -8.39
C VAL B 104 11.64 14.89 -9.52
N ASP B 105 11.57 15.36 -10.76
CA ASP B 105 11.85 14.52 -11.93
C ASP B 105 13.26 13.96 -11.91
N ALA B 106 14.28 14.72 -11.62
CA ALA B 106 15.68 14.40 -11.53
C ALA B 106 15.91 13.38 -10.39
N ILE B 107 15.25 13.57 -9.24
CA ILE B 107 15.41 12.60 -8.15
C ILE B 107 14.68 11.32 -8.53
N GLU B 108 13.45 11.33 -9.03
CA GLU B 108 12.70 10.15 -9.42
C GLU B 108 13.49 9.41 -10.50
N GLU B 109 14.07 10.03 -11.52
CA GLU B 109 14.87 9.40 -12.53
C GLU B 109 16.10 8.69 -11.94
N LYS B 110 16.82 9.34 -11.04
CA LYS B 110 17.97 8.71 -10.45
C LYS B 110 17.53 7.51 -9.61
N LEU B 111 16.51 7.61 -8.77
CA LEU B 111 16.04 6.52 -7.94
C LEU B 111 15.60 5.32 -8.78
N LYS B 112 14.95 5.52 -9.91
CA LYS B 112 14.50 4.44 -10.78
C LYS B 112 15.76 3.80 -11.37
N ASN B 113 16.82 4.59 -11.66
CA ASN B 113 18.04 4.07 -12.19
C ASN B 113 18.73 3.21 -11.12
N LEU B 114 18.51 3.51 -9.86
CA LEU B 114 19.11 2.73 -8.78
C LEU B 114 18.26 1.52 -8.41
N GLY B 115 17.08 1.29 -9.01
CA GLY B 115 16.33 0.09 -8.65
C GLY B 115 15.38 0.35 -7.50
N ALA B 116 15.15 1.63 -7.16
CA ALA B 116 14.17 1.85 -6.07
C ALA B 116 12.81 1.59 -6.64
N GLU B 117 11.80 1.43 -5.81
CA GLU B 117 10.45 1.20 -6.18
C GLU B 117 9.68 2.51 -5.92
N ILE B 118 9.32 3.25 -6.97
CA ILE B 118 8.59 4.52 -6.77
C ILE B 118 7.18 4.16 -6.44
N VAL B 119 6.63 4.47 -5.27
CA VAL B 119 5.32 4.08 -4.78
C VAL B 119 4.18 4.93 -5.31
N GLN B 120 4.52 6.19 -5.61
CA GLN B 120 3.46 7.10 -6.11
C GLN B 120 4.08 8.17 -6.94
N ASP B 121 3.41 8.80 -7.87
CA ASP B 121 4.02 9.87 -8.65
C ASP B 121 4.29 11.03 -7.68
N GLY B 122 5.33 11.75 -7.89
CA GLY B 122 5.83 12.87 -7.10
C GLY B 122 4.81 13.96 -6.76
N LEU B 123 4.76 14.50 -5.54
CA LEU B 123 3.81 15.56 -5.21
C LEU B 123 4.53 16.84 -5.69
N ARG B 124 3.98 17.70 -6.53
CA ARG B 124 4.56 18.92 -7.04
C ARG B 124 3.65 20.08 -6.56
N ILE B 125 4.16 20.90 -5.67
CA ILE B 125 3.31 21.97 -5.15
C ILE B 125 3.69 23.29 -5.77
N ASP B 126 2.67 23.97 -6.31
CA ASP B 126 2.90 25.26 -6.95
C ASP B 126 2.59 26.38 -5.96
N GLY B 127 3.42 27.33 -5.72
CA GLY B 127 3.12 28.41 -4.79
C GLY B 127 3.16 27.94 -3.36
N ASP B 128 2.46 28.70 -2.53
CA ASP B 128 2.43 28.46 -1.10
C ASP B 128 1.85 27.11 -0.80
N PRO B 129 2.58 26.22 -0.15
CA PRO B 129 2.08 24.90 0.18
C PRO B 129 0.97 24.99 1.24
N ARG B 130 0.94 26.08 2.03
CA ARG B 130 -0.06 26.24 3.07
C ARG B 130 -1.44 26.28 2.44
N ALA B 131 -1.55 26.72 1.20
CA ALA B 131 -2.73 26.85 0.39
C ALA B 131 -3.13 25.50 -0.17
N ALA B 132 -2.16 24.59 -0.25
CA ALA B 132 -2.45 23.25 -0.78
C ALA B 132 -2.38 22.23 0.31
N ARG B 133 -2.69 22.57 1.55
CA ARG B 133 -2.54 21.57 2.60
C ARG B 133 -3.26 20.28 2.30
N ASP B 134 -4.43 20.46 1.72
CA ASP B 134 -5.32 19.36 1.35
C ASP B 134 -4.71 18.38 0.35
N ASP B 135 -3.99 18.89 -0.62
CA ASP B 135 -3.36 18.02 -1.60
C ASP B 135 -2.22 17.26 -0.93
N ILE B 136 -1.57 17.94 0.01
CA ILE B 136 -0.47 17.33 0.71
C ILE B 136 -0.95 16.17 1.55
N VAL B 137 -1.97 16.37 2.38
CA VAL B 137 -2.46 15.31 3.23
C VAL B 137 -3.02 14.19 2.37
N GLY B 138 -3.66 14.54 1.25
CA GLY B 138 -4.23 13.57 0.33
C GLY B 138 -3.15 12.66 -0.29
N TRP B 139 -2.03 13.23 -0.71
CA TRP B 139 -0.95 12.44 -1.28
C TRP B 139 -0.34 11.54 -0.21
N ALA B 140 -0.18 12.01 1.04
CA ALA B 140 0.39 11.19 2.10
C ALA B 140 -0.49 9.97 2.38
N HIS B 141 -1.81 10.24 2.30
CA HIS B 141 -2.73 9.13 2.53
C HIS B 141 -2.57 8.12 1.41
N ASP B 142 -2.42 8.53 0.15
CA ASP B 142 -2.23 7.60 -0.97
C ASP B 142 -0.93 6.80 -0.90
N VAL B 143 0.24 7.41 -0.60
CA VAL B 143 1.51 6.67 -0.53
C VAL B 143 1.28 5.66 0.59
N ARG B 144 0.71 5.97 1.74
CA ARG B 144 0.49 4.97 2.77
C ARG B 144 -0.38 3.75 2.41
N GLY B 145 -1.43 3.93 1.62
CA GLY B 145 -2.30 2.86 1.22
C GLY B 145 -1.65 1.91 0.23
N ALA B 146 -0.68 2.38 -0.50
CA ALA B 146 0.03 1.57 -1.48
C ALA B 146 1.08 0.60 -0.94
N ILE B 147 1.65 0.92 0.23
CA ILE B 147 2.73 0.09 0.78
C ILE B 147 2.34 -0.79 1.94
S SO4 C . -10.21 -18.95 11.74
O1 SO4 C . -8.99 -18.30 11.36
O2 SO4 C . -10.33 -20.23 10.99
O3 SO4 C . -10.19 -19.26 13.21
O4 SO4 C . -11.39 -18.11 11.48
N1 RBF D . -12.60 -11.25 15.82
C2 RBF D . -12.98 -10.08 15.21
O2 RBF D . -13.98 -10.12 14.53
N3 RBF D . -12.20 -9.01 15.42
C4 RBF D . -11.07 -8.92 16.22
O4 RBF D . -10.47 -7.89 16.33
C4A RBF D . -10.70 -10.23 16.88
N5 RBF D . -9.63 -10.26 17.61
C5A RBF D . -9.38 -11.44 18.31
C6 RBF D . -8.27 -11.38 19.21
C7 RBF D . -8.04 -12.54 19.90
C7M RBF D . -6.92 -12.71 20.93
C8 RBF D . -8.83 -13.70 19.65
C8M RBF D . -8.49 -14.97 20.49
C9 RBF D . -9.91 -13.81 18.80
C9A RBF D . -10.13 -12.61 18.11
N10 RBF D . -11.20 -12.53 17.17
C10 RBF D . -11.49 -11.35 16.62
C1' RBF D . -11.97 -13.78 16.98
C2' RBF D . -11.14 -14.64 16.01
O2' RBF D . -10.99 -13.99 14.72
C3' RBF D . -11.82 -15.87 15.55
O3' RBF D . -12.86 -15.58 14.63
C4' RBF D . -12.33 -16.82 16.54
O4' RBF D . -11.48 -17.19 17.64
C5' RBF D . -12.55 -18.05 15.56
O5' RBF D . -12.86 -17.52 14.25
S SO4 E . 11.86 25.79 -0.47
O1 SO4 E . 13.19 25.19 -0.79
O2 SO4 E . 10.83 25.23 -1.36
O3 SO4 E . 11.57 25.57 0.97
O4 SO4 E . 11.94 27.27 -0.72
N1 RBF F . 10.59 26.66 -9.34
C2 RBF F . 10.25 25.59 -10.18
O2 RBF F . 9.25 24.92 -10.08
N3 RBF F . 11.11 25.33 -11.21
C4 RBF F . 12.26 26.05 -11.39
O4 RBF F . 13.08 25.83 -12.26
C4A RBF F . 12.59 27.20 -10.48
N5 RBF F . 13.68 27.84 -10.69
C5A RBF F . 13.89 28.93 -9.84
C6 RBF F . 15.02 29.70 -10.09
C7 RBF F . 15.26 30.79 -9.30
C7M RBF F . 16.45 31.72 -9.43
C8 RBF F . 14.38 31.10 -8.23
C8M RBF F . 14.74 32.33 -7.35
C9 RBF F . 13.27 30.38 -7.95
C9A RBF F . 13.05 29.28 -8.80
N10 RBF F . 11.95 28.47 -8.64
C10 RBF F . 11.68 27.44 -9.45
C1' RBF F . 10.95 28.67 -7.52
C2' RBF F . 11.64 28.13 -6.26
O2' RBF F . 11.67 26.68 -6.26
C3' RBF F . 10.84 28.46 -5.04
O3' RBF F . 9.75 27.58 -5.11
C4' RBF F . 10.45 29.86 -4.83
O4' RBF F . 11.35 30.89 -5.15
C5' RBF F . 10.41 30.04 -3.25
O5' RBF F . 9.03 29.79 -3.04
#